data_7DAK
#
_entry.id   7DAK
#
_cell.length_a   66.382
_cell.length_b   66.815
_cell.length_c   83.497
_cell.angle_alpha   90.000
_cell.angle_beta   90.000
_cell.angle_gamma   90.000
#
_symmetry.space_group_name_H-M   'P 21 21 21'
#
loop_
_entity.id
_entity.type
_entity.pdbx_description
1 polymer 'Serotonin N-acetyltransferase 1, chloroplastic'
2 non-polymer 'ACETYL COENZYME *A'
3 non-polymer 2-(5-methoxy-1H-indol-3-yl)ethanamine
4 water water
#
_entity_poly.entity_id   1
_entity_poly.type   'polypeptide(L)'
_entity_poly.pdbx_seq_one_letter_code
;GPPLPEELVLLERTLADGSTEQIIFSSAGDVNVYDLQALCDKVGWPRRPLTKIAASLRNSYLVATLHSVTMPSKAEGEER
KQLIGMARATSDHAFNATIWDVLVDPSYQGQGLGKALMEKVIRTLLQRDISNITLFADNKVVDFYKNLGFEADPQGIKGM
FWYPRF
;
_entity_poly.pdbx_strand_id   A,B
#
loop_
_chem_comp.id
_chem_comp.type
_chem_comp.name
_chem_comp.formula
ACO non-polymer 'ACETYL COENZYME *A' 'C23 H38 N7 O17 P3 S'
F5U non-polymer 2-(5-methoxy-1H-indol-3-yl)ethanamine 'C11 H14 N2 O'
#
# COMPACT_ATOMS: atom_id res chain seq x y z
N GLU A 6 -19.76 10.93 7.02
CA GLU A 6 -18.54 10.96 7.80
C GLU A 6 -18.84 10.41 9.12
N GLU A 7 -19.77 11.01 9.84
CA GLU A 7 -20.14 10.41 11.10
C GLU A 7 -21.49 9.70 10.95
N LEU A 8 -21.75 8.77 11.87
CA LEU A 8 -22.82 7.80 11.65
C LEU A 8 -22.99 6.92 12.89
N VAL A 9 -24.21 6.79 13.37
CA VAL A 9 -24.54 5.94 14.52
C VAL A 9 -24.87 4.55 13.98
N LEU A 10 -24.03 3.59 14.35
CA LEU A 10 -24.14 2.22 13.91
C LEU A 10 -25.23 1.46 14.59
N LEU A 11 -25.25 1.51 15.91
CA LEU A 11 -26.26 0.83 16.66
C LEU A 11 -26.44 1.48 18.01
N GLU A 12 -27.50 1.15 18.71
CA GLU A 12 -27.73 1.66 20.05
C GLU A 12 -28.19 0.56 20.94
N ARG A 13 -27.59 0.37 22.10
CA ARG A 13 -28.07 -0.64 23.02
C ARG A 13 -28.39 -0.03 24.37
N THR A 14 -28.64 -0.84 25.40
CA THR A 14 -29.07 -0.30 26.70
C THR A 14 -29.01 -1.27 27.87
N LEU A 15 -28.37 -0.90 28.99
CA LEU A 15 -28.37 -1.74 30.20
C LEU A 15 -28.67 -0.90 31.44
N GLU A 21 -25.48 3.60 25.29
CA GLU A 21 -24.37 3.23 24.46
C GLU A 21 -24.71 3.28 23.02
N GLN A 22 -23.93 3.96 22.23
CA GLN A 22 -24.18 3.98 20.83
C GLN A 22 -22.84 3.88 20.17
N ILE A 23 -22.77 3.12 19.10
CA ILE A 23 -21.53 2.93 18.37
C ILE A 23 -21.51 3.90 17.20
N ILE A 24 -20.47 4.72 17.15
CA ILE A 24 -20.36 5.70 16.10
C ILE A 24 -19.23 5.41 15.17
N PHE A 25 -19.48 5.55 13.88
CA PHE A 25 -18.47 5.30 12.89
C PHE A 25 -18.11 6.61 12.33
N SER A 26 -16.82 6.86 12.18
CA SER A 26 -16.35 8.08 11.59
C SER A 26 -15.27 7.92 10.55
N SER A 27 -15.19 8.84 9.61
CA SER A 27 -14.13 8.93 8.61
C SER A 27 -13.22 10.14 8.85
N ALA A 28 -13.39 10.81 9.98
CA ALA A 28 -12.62 12.03 10.24
C ALA A 28 -11.16 11.69 10.50
N GLY A 29 -10.89 10.63 11.25
CA GLY A 29 -9.54 10.37 11.71
C GLY A 29 -9.18 11.08 12.99
N ASP A 30 -10.16 11.41 13.81
CA ASP A 30 -9.91 12.05 15.10
C ASP A 30 -9.48 11.00 16.13
N VAL A 31 -8.38 10.32 15.82
CA VAL A 31 -7.89 9.23 16.67
C VAL A 31 -6.67 9.73 17.44
N ASN A 32 -6.82 9.74 18.76
CA ASN A 32 -5.75 10.15 19.65
C ASN A 32 -4.83 8.95 19.86
N VAL A 33 -3.53 9.15 19.64
CA VAL A 33 -2.61 8.02 19.57
C VAL A 33 -2.52 7.31 20.92
N TYR A 34 -2.86 7.98 22.02
CA TYR A 34 -2.84 7.29 23.30
C TYR A 34 -3.98 6.29 23.39
N ASP A 35 -5.19 6.72 22.99
CA ASP A 35 -6.32 5.79 22.95
C ASP A 35 -6.01 4.59 22.07
N LEU A 36 -5.38 4.81 20.92
CA LEU A 36 -5.16 3.72 20.00
C LEU A 36 -4.09 2.76 20.53
N GLN A 37 -3.11 3.30 21.25
CA GLN A 37 -2.13 2.48 21.94
C GLN A 37 -2.79 1.53 22.93
N ALA A 38 -3.84 2.02 23.64
CA ALA A 38 -4.58 1.16 24.56
C ALA A 38 -5.31 0.05 23.82
N LEU A 39 -5.97 0.42 22.75
CA LEU A 39 -6.69 -0.50 21.93
C LEU A 39 -5.77 -1.52 21.39
N CYS A 40 -4.60 -1.10 20.97
CA CYS A 40 -3.68 -2.06 20.41
C CYS A 40 -3.16 -3.03 21.46
N ASP A 41 -2.98 -2.56 22.67
CA ASP A 41 -2.49 -3.37 23.74
C ASP A 41 -3.46 -4.46 24.10
N LYS A 42 -4.73 -4.14 24.14
CA LYS A 42 -5.75 -5.14 24.43
C LYS A 42 -5.65 -6.33 23.50
N VAL A 43 -5.29 -6.11 22.23
CA VAL A 43 -5.22 -7.22 21.28
C VAL A 43 -3.80 -7.75 21.25
N GLY A 44 -2.97 -7.30 22.18
CA GLY A 44 -1.61 -7.80 22.26
C GLY A 44 -0.68 -7.36 21.15
N TRP A 45 -0.97 -6.24 20.50
CA TRP A 45 0.00 -5.75 19.54
C TRP A 45 1.11 -5.00 20.27
N PRO A 46 2.33 -5.04 19.73
CA PRO A 46 3.47 -4.46 20.45
C PRO A 46 3.54 -2.94 20.37
N ARG A 47 3.86 -2.32 21.51
CA ARG A 47 4.02 -0.86 21.57
C ARG A 47 4.93 -0.38 20.46
N ARG A 48 4.63 0.80 19.93
CA ARG A 48 5.43 1.42 18.90
C ARG A 48 5.47 2.91 19.20
N PRO A 49 6.52 3.61 18.79
CA PRO A 49 6.68 5.02 19.16
C PRO A 49 5.50 5.88 18.73
N LEU A 50 4.89 6.55 19.71
CA LEU A 50 3.68 7.32 19.45
C LEU A 50 3.88 8.32 18.31
N THR A 51 5.07 8.92 18.20
CA THR A 51 5.28 9.83 17.08
C THR A 51 5.24 9.10 15.75
N LYS A 52 5.66 7.83 15.73
CA LYS A 52 5.60 7.05 14.49
C LYS A 52 4.17 6.65 14.17
N ILE A 53 3.44 6.14 15.17
CA ILE A 53 2.00 5.93 15.04
C ILE A 53 1.34 7.19 14.49
N ALA A 54 1.62 8.33 15.12
CA ALA A 54 1.03 9.58 14.69
C ALA A 54 1.45 9.94 13.27
N ALA A 55 2.70 9.64 12.91
CA ALA A 55 3.13 9.86 11.54
C ALA A 55 2.33 9.00 10.57
N SER A 56 2.06 7.74 10.94
CA SER A 56 1.36 6.83 10.06
C SER A 56 -0.12 7.16 9.95
N LEU A 57 -0.72 7.72 11.00
CA LEU A 57 -2.10 8.15 10.87
C LEU A 57 -2.20 9.41 10.02
N ARG A 58 -1.28 10.33 10.22
CA ARG A 58 -1.26 11.56 9.43
C ARG A 58 -1.07 11.26 7.95
N ASN A 59 -0.37 10.17 7.60
CA ASN A 59 -0.13 9.78 6.21
C ASN A 59 -1.00 8.62 5.75
N SER A 60 -2.17 8.42 6.35
CA SER A 60 -3.11 7.40 5.91
C SER A 60 -4.23 8.08 5.16
N TYR A 61 -4.42 7.68 3.89
CA TYR A 61 -5.47 8.26 3.07
C TYR A 61 -6.83 8.15 3.73
N LEU A 62 -7.04 7.13 4.55
CA LEU A 62 -8.32 6.91 5.20
C LEU A 62 -8.09 6.37 6.60
N VAL A 63 -8.71 7.01 7.60
CA VAL A 63 -8.62 6.56 8.97
C VAL A 63 -10.04 6.45 9.50
N ALA A 64 -10.50 5.23 9.77
CA ALA A 64 -11.87 4.96 10.17
C ALA A 64 -11.91 4.45 11.59
N THR A 65 -12.95 4.84 12.33
CA THR A 65 -13.00 4.66 13.78
C THR A 65 -14.36 4.14 14.22
N LEU A 66 -14.36 3.34 15.27
CA LEU A 66 -15.57 3.02 16.04
C LEU A 66 -15.44 3.61 17.44
N HIS A 67 -16.46 4.38 17.84
CA HIS A 67 -16.50 5.01 19.15
C HIS A 67 -17.81 4.66 19.85
N SER A 68 -17.68 4.34 21.13
CA SER A 68 -18.78 3.98 22.00
C SER A 68 -19.07 5.05 23.01
N VAL A 69 -19.83 6.05 22.60
CA VAL A 69 -20.21 7.18 23.43
C VAL A 69 -21.29 6.80 24.40
N THR A 70 -21.05 7.07 25.66
CA THR A 70 -21.98 6.71 26.70
C THR A 70 -22.43 7.94 27.41
N LYS A 81 -17.12 9.17 24.95
CA LYS A 81 -16.42 8.57 23.81
C LYS A 81 -15.37 7.56 24.25
N GLN A 82 -15.31 6.42 23.56
CA GLN A 82 -14.27 5.42 23.80
C GLN A 82 -13.95 4.74 22.48
N LEU A 83 -12.68 4.75 22.10
CA LEU A 83 -12.30 4.17 20.83
C LEU A 83 -12.29 2.65 20.96
N ILE A 84 -13.00 1.99 20.05
CA ILE A 84 -13.22 0.55 20.17
C ILE A 84 -12.96 -0.13 18.83
N GLY A 85 -12.81 0.67 17.79
CA GLY A 85 -12.51 0.10 16.50
C GLY A 85 -11.76 1.04 15.59
N MET A 86 -10.83 0.49 14.81
CA MET A 86 -10.16 1.31 13.82
C MET A 86 -9.76 0.47 12.62
N ALA A 87 -9.79 1.11 11.47
CA ALA A 87 -9.16 0.62 10.25
C ALA A 87 -8.50 1.81 9.59
N ARG A 88 -7.48 1.54 8.78
CA ARG A 88 -6.89 2.64 8.02
C ARG A 88 -6.40 2.08 6.70
N ALA A 89 -6.18 2.97 5.75
CA ALA A 89 -5.72 2.58 4.43
C ALA A 89 -4.77 3.64 3.89
N THR A 90 -3.70 3.17 3.29
CA THR A 90 -2.89 4.05 2.47
C THR A 90 -3.42 3.96 1.05
N SER A 91 -3.25 5.04 0.30
CA SER A 91 -3.67 4.96 -1.09
C SER A 91 -2.84 5.93 -1.92
N ASP A 92 -2.85 5.72 -3.22
CA ASP A 92 -2.23 6.69 -4.11
C ASP A 92 -3.25 7.69 -4.63
N HIS A 93 -4.40 7.79 -3.94
CA HIS A 93 -5.47 8.77 -4.16
C HIS A 93 -6.13 8.61 -5.52
N ALA A 94 -5.87 7.52 -6.23
CA ALA A 94 -6.32 7.43 -7.61
C ALA A 94 -6.70 6.01 -8.01
N PHE A 95 -5.76 5.08 -7.93
CA PHE A 95 -5.97 3.69 -8.34
C PHE A 95 -6.05 2.72 -7.17
N ASN A 96 -5.11 2.76 -6.24
CA ASN A 96 -4.86 1.65 -5.34
C ASN A 96 -5.02 2.08 -3.89
N ALA A 97 -5.61 1.22 -3.08
CA ALA A 97 -5.69 1.42 -1.65
C ALA A 97 -5.28 0.12 -0.97
N THR A 98 -4.54 0.22 0.13
CA THR A 98 -4.22 -0.96 0.91
C THR A 98 -4.69 -0.72 2.34
N ILE A 99 -5.30 -1.72 2.95
CA ILE A 99 -5.90 -1.61 4.26
C ILE A 99 -4.97 -2.25 5.28
N TRP A 100 -4.43 -1.45 6.18
CA TRP A 100 -3.64 -1.95 7.30
C TRP A 100 -4.42 -1.83 8.61
N ASP A 101 -3.98 -2.59 9.60
CA ASP A 101 -4.42 -2.40 10.98
C ASP A 101 -5.92 -2.20 11.13
N VAL A 102 -6.72 -3.24 11.01
CA VAL A 102 -8.11 -3.17 11.45
C VAL A 102 -8.23 -3.96 12.75
N LEU A 103 -8.86 -3.38 13.74
CA LEU A 103 -8.95 -4.06 15.03
C LEU A 103 -10.16 -3.55 15.78
N VAL A 104 -10.77 -4.45 16.54
CA VAL A 104 -11.96 -4.19 17.32
C VAL A 104 -11.66 -4.63 18.74
N ASP A 105 -11.94 -3.74 19.70
CA ASP A 105 -11.79 -4.04 21.12
C ASP A 105 -12.30 -5.44 21.41
N PRO A 106 -11.52 -6.26 22.11
CA PRO A 106 -11.95 -7.66 22.33
C PRO A 106 -13.32 -7.79 22.98
N SER A 107 -13.63 -6.93 23.95
CA SER A 107 -14.95 -6.90 24.61
C SER A 107 -16.09 -6.58 23.66
N TYR A 108 -15.80 -6.33 22.38
CA TYR A 108 -16.81 -5.92 21.42
C TYR A 108 -16.83 -6.77 20.15
N GLN A 109 -15.96 -7.78 20.06
CA GLN A 109 -15.96 -8.62 18.88
C GLN A 109 -17.18 -9.55 18.88
N GLY A 110 -17.37 -10.23 17.76
CA GLY A 110 -18.53 -11.09 17.63
C GLY A 110 -19.87 -10.38 17.56
N GLN A 111 -19.87 -9.07 17.54
CA GLN A 111 -21.13 -8.37 17.49
C GLN A 111 -21.47 -7.82 16.15
N GLY A 112 -20.74 -8.23 15.15
CA GLY A 112 -20.92 -7.68 13.81
C GLY A 112 -20.25 -6.36 13.52
N LEU A 113 -19.38 -5.87 14.42
CA LEU A 113 -18.79 -4.53 14.30
C LEU A 113 -17.61 -4.50 13.32
N GLY A 114 -16.73 -5.51 13.36
CA GLY A 114 -15.68 -5.63 12.35
C GLY A 114 -16.23 -5.59 10.94
N LYS A 115 -17.34 -6.24 10.74
CA LYS A 115 -18.00 -6.25 9.48
C LYS A 115 -18.48 -4.89 9.11
N ALA A 116 -19.22 -4.27 9.97
CA ALA A 116 -19.72 -2.92 9.71
C ALA A 116 -18.59 -1.97 9.34
N LEU A 117 -17.56 -1.92 10.21
CA LEU A 117 -16.40 -1.06 9.98
C LEU A 117 -15.80 -1.27 8.60
N MET A 118 -15.50 -2.53 8.26
CA MET A 118 -14.96 -2.82 6.93
C MET A 118 -15.91 -2.35 5.85
N GLU A 119 -17.21 -2.59 6.04
CA GLU A 119 -18.18 -2.30 4.98
C GLU A 119 -18.22 -0.81 4.67
N LYS A 120 -18.04 0.03 5.67
CA LYS A 120 -18.01 1.44 5.37
C LYS A 120 -16.65 1.84 4.84
N VAL A 121 -15.62 1.12 5.23
CA VAL A 121 -14.30 1.40 4.65
C VAL A 121 -14.34 1.19 3.14
N ILE A 122 -14.77 -0.02 2.71
CA ILE A 122 -14.84 -0.32 1.28
C ILE A 122 -15.75 0.68 0.56
N ARG A 123 -16.91 0.99 1.14
CA ARG A 123 -17.79 1.95 0.51
C ARG A 123 -17.14 3.32 0.39
N THR A 124 -16.44 3.79 1.43
CA THR A 124 -15.80 5.11 1.35
C THR A 124 -14.69 5.14 0.31
N LEU A 125 -13.93 4.05 0.18
CA LEU A 125 -12.92 4.02 -0.86
C LEU A 125 -13.56 3.98 -2.24
N LEU A 126 -14.60 3.14 -2.42
CA LEU A 126 -15.32 3.09 -3.69
C LEU A 126 -15.90 4.45 -4.07
N GLN A 127 -16.37 5.22 -3.08
CA GLN A 127 -16.91 6.55 -3.37
C GLN A 127 -15.82 7.50 -3.84
N ARG A 128 -14.63 7.42 -3.21
CA ARG A 128 -13.51 8.25 -3.64
C ARG A 128 -12.88 7.74 -4.94
N ASP A 129 -13.50 6.75 -5.57
CA ASP A 129 -13.10 6.23 -6.88
C ASP A 129 -11.76 5.47 -6.84
N ILE A 130 -11.50 4.74 -5.75
CA ILE A 130 -10.38 3.81 -5.71
C ILE A 130 -10.94 2.43 -6.01
N SER A 131 -10.52 1.87 -7.13
CA SER A 131 -11.06 0.61 -7.63
C SER A 131 -10.21 -0.60 -7.26
N ASN A 132 -9.05 -0.40 -6.64
CA ASN A 132 -8.12 -1.48 -6.35
C ASN A 132 -7.88 -1.51 -4.84
N ILE A 133 -8.73 -2.26 -4.13
CA ILE A 133 -8.75 -2.28 -2.68
C ILE A 133 -8.14 -3.59 -2.22
N THR A 134 -7.02 -3.49 -1.51
CA THR A 134 -6.18 -4.64 -1.19
C THR A 134 -5.90 -4.68 0.30
N LEU A 135 -5.41 -5.82 0.76
CA LEU A 135 -4.95 -5.95 2.14
C LEU A 135 -4.05 -7.17 2.21
N PHE A 136 -3.37 -7.31 3.36
CA PHE A 136 -2.60 -8.50 3.68
C PHE A 136 -3.20 -9.13 4.93
N ALA A 137 -3.69 -10.36 4.80
CA ALA A 137 -4.42 -11.01 5.88
C ALA A 137 -3.55 -12.11 6.49
N ASP A 138 -3.63 -12.23 7.80
CA ASP A 138 -3.01 -13.27 8.56
C ASP A 138 -3.80 -14.55 8.36
N ASN A 139 -3.21 -15.71 8.61
CA ASN A 139 -3.88 -16.97 8.33
C ASN A 139 -5.26 -17.04 8.99
N LYS A 140 -5.36 -16.69 10.26
CA LYS A 140 -6.62 -16.92 10.96
C LYS A 140 -7.72 -15.93 10.59
N VAL A 141 -7.40 -14.89 9.81
CA VAL A 141 -8.34 -13.82 9.47
C VAL A 141 -8.76 -13.85 8.02
N VAL A 142 -8.09 -14.65 7.17
CA VAL A 142 -8.43 -14.70 5.75
C VAL A 142 -9.91 -14.96 5.52
N ASP A 143 -10.53 -15.81 6.34
CA ASP A 143 -11.92 -16.16 6.07
C ASP A 143 -12.89 -15.03 6.41
N PHE A 144 -12.52 -14.15 7.35
CA PHE A 144 -13.33 -12.98 7.65
C PHE A 144 -13.33 -11.99 6.48
N TYR A 145 -12.24 -11.93 5.72
CA TYR A 145 -12.21 -11.03 4.58
C TYR A 145 -12.77 -11.67 3.32
N LYS A 146 -12.64 -12.99 3.17
CA LYS A 146 -13.31 -13.65 2.05
C LYS A 146 -14.81 -13.41 2.11
N ASN A 147 -15.38 -13.44 3.32
CA ASN A 147 -16.80 -13.17 3.45
C ASN A 147 -17.15 -11.79 2.92
N LEU A 148 -16.38 -10.77 3.27
CA LEU A 148 -16.73 -9.42 2.89
C LEU A 148 -16.50 -9.16 1.40
N GLY A 149 -15.99 -10.15 0.66
CA GLY A 149 -15.79 -10.02 -0.77
C GLY A 149 -14.35 -10.10 -1.22
N PHE A 150 -13.39 -10.14 -0.30
CA PHE A 150 -11.99 -10.15 -0.70
C PHE A 150 -11.63 -11.53 -1.19
N GLU A 151 -10.72 -11.59 -2.15
CA GLU A 151 -10.38 -12.83 -2.82
C GLU A 151 -8.86 -12.97 -2.88
N ALA A 152 -8.34 -13.99 -2.20
CA ALA A 152 -6.91 -14.29 -2.21
C ALA A 152 -6.44 -14.64 -3.62
N ASP A 153 -5.12 -14.48 -3.83
CA ASP A 153 -4.36 -14.72 -5.06
C ASP A 153 -5.19 -14.80 -6.33
N PRO A 154 -5.96 -13.78 -6.69
CA PRO A 154 -6.74 -13.87 -7.91
C PRO A 154 -5.84 -14.00 -9.13
N GLN A 155 -6.10 -15.03 -9.93
CA GLN A 155 -5.32 -15.32 -11.13
C GLN A 155 -3.83 -15.42 -10.81
N GLY A 156 -3.53 -16.02 -9.65
CA GLY A 156 -2.15 -16.33 -9.28
C GLY A 156 -1.33 -15.20 -8.70
N ILE A 157 -1.86 -13.98 -8.65
CA ILE A 157 -1.13 -12.86 -8.08
C ILE A 157 -0.77 -13.16 -6.63
N LYS A 158 0.44 -12.80 -6.23
CA LYS A 158 0.88 -13.15 -4.90
C LYS A 158 1.39 -11.92 -4.18
N GLY A 159 1.05 -11.83 -2.89
CA GLY A 159 1.49 -10.74 -2.06
C GLY A 159 2.80 -11.15 -1.43
N MET A 160 3.79 -10.24 -1.50
CA MET A 160 5.18 -10.57 -1.18
C MET A 160 5.78 -9.52 -0.25
N PHE A 161 6.69 -9.96 0.64
CA PHE A 161 7.35 -9.09 1.60
C PHE A 161 8.87 -9.24 1.48
N TRP A 162 9.58 -8.13 1.61
CA TRP A 162 11.04 -8.19 1.53
C TRP A 162 11.60 -8.64 2.87
N TYR A 163 12.07 -9.88 2.94
CA TYR A 163 12.71 -10.45 4.14
C TYR A 163 11.87 -10.20 5.39
N PRO A 164 10.69 -10.80 5.46
CA PRO A 164 9.82 -10.59 6.62
C PRO A 164 10.37 -11.22 7.90
N ARG A 165 9.89 -10.69 9.02
CA ARG A 165 10.23 -11.14 10.37
C ARG A 165 8.91 -11.22 11.14
N PHE A 166 8.09 -12.21 10.84
CA PHE A 166 6.84 -12.33 11.54
C PHE A 166 6.85 -13.59 12.38
N PRO B 3 24.80 6.04 2.48
CA PRO B 3 23.80 6.97 1.95
C PRO B 3 23.82 6.88 0.46
N LEU B 4 22.66 6.82 -0.18
CA LEU B 4 22.56 6.72 -1.62
C LEU B 4 22.00 8.01 -2.05
N PRO B 5 22.61 8.69 -3.03
CA PRO B 5 22.13 10.01 -3.47
C PRO B 5 20.78 9.94 -4.18
N GLU B 6 20.18 11.13 -4.32
CA GLU B 6 18.89 11.23 -4.98
C GLU B 6 18.98 10.75 -6.43
N GLU B 7 19.99 11.24 -7.16
CA GLU B 7 20.18 10.88 -8.55
C GLU B 7 21.62 10.44 -8.75
N LEU B 8 21.80 9.40 -9.57
CA LEU B 8 23.12 8.83 -9.83
C LEU B 8 23.12 8.12 -11.17
N VAL B 9 24.31 7.81 -11.68
CA VAL B 9 24.50 7.23 -13.00
C VAL B 9 24.73 5.73 -12.85
N LEU B 10 23.86 4.92 -13.46
CA LEU B 10 23.99 3.48 -13.31
C LEU B 10 25.04 2.89 -14.25
N LEU B 11 25.11 3.37 -15.49
CA LEU B 11 25.80 2.60 -16.52
C LEU B 11 26.24 3.51 -17.65
N GLU B 12 27.25 3.08 -18.38
CA GLU B 12 27.81 3.87 -19.46
C GLU B 12 28.15 3.02 -20.65
N ARG B 13 27.45 3.26 -21.74
CA ARG B 13 27.72 2.52 -22.93
C ARG B 13 27.66 3.46 -24.11
N THR B 14 28.17 3.03 -25.26
CA THR B 14 28.05 3.91 -26.41
C THR B 14 27.74 3.19 -27.71
N LEU B 15 27.30 3.98 -28.67
CA LEU B 15 26.81 3.55 -29.98
C LEU B 15 25.58 2.70 -29.71
N GLU B 21 25.48 7.39 -24.20
CA GLU B 21 24.31 6.98 -23.45
C GLU B 21 24.60 6.49 -22.08
N GLN B 22 24.25 7.27 -21.10
CA GLN B 22 24.33 6.79 -19.73
C GLN B 22 22.92 6.63 -19.18
N ILE B 23 22.78 5.74 -18.21
CA ILE B 23 21.48 5.38 -17.65
C ILE B 23 21.46 5.83 -16.20
N ILE B 24 20.69 6.87 -15.89
CA ILE B 24 20.66 7.48 -14.56
C ILE B 24 19.41 7.02 -13.80
N PHE B 25 19.61 6.64 -12.54
CA PHE B 25 18.52 6.42 -11.61
C PHE B 25 18.25 7.72 -10.87
N SER B 26 16.99 7.92 -10.48
CA SER B 26 16.65 9.04 -9.63
C SER B 26 15.44 8.70 -8.78
N SER B 27 15.44 9.17 -7.55
CA SER B 27 14.26 9.20 -6.71
C SER B 27 13.70 10.61 -6.58
N ALA B 28 14.11 11.51 -7.47
CA ALA B 28 13.58 12.87 -7.42
C ALA B 28 12.09 12.94 -7.74
N GLY B 29 11.57 11.99 -8.48
CA GLY B 29 10.16 11.91 -8.75
C GLY B 29 9.60 12.77 -9.82
N ASP B 30 10.46 13.41 -10.57
CA ASP B 30 9.96 14.27 -11.58
C ASP B 30 9.81 13.52 -12.85
N VAL B 31 8.71 12.82 -13.01
CA VAL B 31 8.44 12.10 -14.21
C VAL B 31 7.30 12.80 -14.85
N ASN B 32 7.40 13.00 -16.16
CA ASN B 32 6.37 13.67 -16.95
C ASN B 32 5.31 12.65 -17.30
N VAL B 33 4.09 12.91 -16.87
CA VAL B 33 2.99 12.01 -17.11
C VAL B 33 2.75 11.63 -18.53
N TYR B 34 3.32 12.40 -19.45
CA TYR B 34 3.19 12.13 -20.88
C TYR B 34 4.17 11.01 -21.21
N ASP B 35 5.44 11.24 -20.88
CA ASP B 35 6.47 10.22 -21.11
C ASP B 35 6.07 8.89 -20.46
N LEU B 36 5.60 8.95 -19.21
CA LEU B 36 5.11 7.76 -18.53
C LEU B 36 4.01 7.08 -19.33
N GLN B 37 3.02 7.86 -19.79
CA GLN B 37 1.92 7.29 -20.54
C GLN B 37 2.43 6.50 -21.74
N ALA B 38 3.52 6.98 -22.37
CA ALA B 38 4.08 6.30 -23.53
C ALA B 38 4.80 5.02 -23.13
N LEU B 39 5.55 5.05 -22.01
CA LEU B 39 6.18 3.84 -21.50
C LEU B 39 5.13 2.78 -21.18
N CYS B 40 4.02 3.19 -20.54
CA CYS B 40 2.93 2.26 -20.28
C CYS B 40 2.39 1.64 -21.56
N ASP B 41 2.20 2.46 -22.61
CA ASP B 41 1.77 1.91 -23.90
C ASP B 41 2.69 0.78 -24.35
N LYS B 42 4.00 0.99 -24.28
CA LYS B 42 4.94 0.00 -24.80
C LYS B 42 4.74 -1.35 -24.12
N VAL B 43 4.65 -1.37 -22.80
CA VAL B 43 4.50 -2.66 -22.09
C VAL B 43 3.11 -3.25 -22.28
N GLY B 44 2.22 -2.56 -22.99
CA GLY B 44 0.89 -3.04 -23.28
C GLY B 44 -0.18 -2.54 -22.34
N TRP B 45 0.14 -1.55 -21.51
CA TRP B 45 -0.84 -1.17 -20.50
C TRP B 45 -1.89 -0.25 -21.11
N PRO B 46 -3.15 -0.39 -20.70
CA PRO B 46 -4.19 0.53 -21.17
C PRO B 46 -3.96 1.91 -20.59
N ARG B 47 -4.36 2.92 -21.33
CA ARG B 47 -4.14 4.30 -20.92
C ARG B 47 -5.08 4.75 -19.86
N ARG B 48 -4.58 5.54 -18.95
CA ARG B 48 -5.38 6.05 -17.86
C ARG B 48 -5.47 7.58 -17.95
N PRO B 49 -6.45 8.18 -17.27
CA PRO B 49 -6.60 9.64 -17.34
C PRO B 49 -5.37 10.35 -16.77
N LEU B 50 -4.84 11.30 -17.56
CA LEU B 50 -3.60 11.97 -17.18
C LEU B 50 -3.74 12.66 -15.83
N THR B 51 -4.90 13.26 -15.56
CA THR B 51 -5.05 13.93 -14.27
C THR B 51 -5.02 12.92 -13.13
N LYS B 52 -5.46 11.68 -13.38
CA LYS B 52 -5.41 10.68 -12.32
C LYS B 52 -4.03 10.05 -12.19
N ILE B 53 -3.33 9.80 -13.31
CA ILE B 53 -1.92 9.43 -13.23
C ILE B 53 -1.14 10.51 -12.48
N ALA B 54 -1.37 11.78 -12.86
CA ALA B 54 -0.78 12.90 -12.14
C ALA B 54 -1.09 12.84 -10.66
N ALA B 55 -2.32 12.45 -10.30
CA ALA B 55 -2.70 12.36 -8.89
C ALA B 55 -1.97 11.21 -8.19
N SER B 56 -1.79 10.08 -8.88
CA SER B 56 -1.15 8.91 -8.27
C SER B 56 0.35 9.14 -8.06
N LEU B 57 1.02 9.78 -9.02
CA LEU B 57 2.43 10.11 -8.83
C LEU B 57 2.59 11.11 -7.68
N ARG B 58 1.80 12.17 -7.72
CA ARG B 58 1.75 13.15 -6.63
C ARG B 58 1.62 12.47 -5.26
N ASN B 59 0.75 11.47 -5.16
CA ASN B 59 0.48 10.84 -3.88
C ASN B 59 1.26 9.55 -3.66
N SER B 60 2.39 9.40 -4.34
CA SER B 60 3.29 8.26 -4.14
C SER B 60 4.46 8.71 -3.30
N TYR B 61 4.68 8.01 -2.19
CA TYR B 61 5.81 8.30 -1.32
C TYR B 61 7.12 8.29 -2.09
N LEU B 62 7.33 7.27 -2.92
CA LEU B 62 8.58 7.14 -3.65
C LEU B 62 8.29 6.93 -5.12
N VAL B 63 8.84 7.79 -5.97
CA VAL B 63 8.79 7.65 -7.42
C VAL B 63 10.23 7.57 -7.92
N ALA B 64 10.59 6.49 -8.59
CA ALA B 64 11.96 6.22 -9.00
C ALA B 64 12.02 5.99 -10.49
N THR B 65 12.98 6.63 -11.17
CA THR B 65 12.98 6.61 -12.62
C THR B 65 14.29 6.03 -13.16
N LEU B 66 14.22 5.57 -14.41
CA LEU B 66 15.38 5.23 -15.22
C LEU B 66 15.26 6.01 -16.53
N HIS B 67 16.26 6.84 -16.83
CA HIS B 67 16.26 7.68 -18.01
C HIS B 67 17.49 7.39 -18.88
N SER B 68 17.33 7.56 -20.19
CA SER B 68 18.40 7.29 -21.14
C SER B 68 18.93 8.62 -21.70
N VAL B 69 19.89 9.20 -20.99
CA VAL B 69 20.52 10.43 -21.42
C VAL B 69 21.34 10.18 -22.68
N THR B 70 21.36 11.15 -23.59
CA THR B 70 22.32 11.13 -24.68
C THR B 70 22.67 12.54 -25.12
N LYS B 81 16.86 13.23 -22.44
CA LYS B 81 16.25 12.38 -21.43
C LYS B 81 15.14 11.51 -22.03
N GLN B 82 15.26 10.18 -21.92
CA GLN B 82 14.18 9.27 -22.29
C GLN B 82 13.85 8.34 -21.12
N LEU B 83 12.62 8.44 -20.64
CA LEU B 83 12.13 7.54 -19.60
C LEU B 83 12.18 6.10 -20.08
N ILE B 84 12.90 5.25 -19.35
CA ILE B 84 12.96 3.85 -19.76
C ILE B 84 12.62 2.92 -18.61
N GLY B 85 12.52 3.45 -17.42
CA GLY B 85 12.17 2.62 -16.29
C GLY B 85 11.44 3.40 -15.23
N MET B 86 10.53 2.73 -14.54
CA MET B 86 9.90 3.39 -13.41
C MET B 86 9.44 2.37 -12.40
N ALA B 87 9.46 2.79 -11.15
CA ALA B 87 8.83 2.07 -10.06
C ALA B 87 8.32 3.12 -9.09
N ARG B 88 7.23 2.82 -8.41
CA ARG B 88 6.75 3.76 -7.41
C ARG B 88 6.26 2.97 -6.20
N ALA B 89 6.08 3.67 -5.08
CA ALA B 89 5.57 3.01 -3.90
C ALA B 89 4.77 3.99 -3.05
N THR B 90 3.59 3.57 -2.62
CA THR B 90 2.95 4.29 -1.54
C THR B 90 3.54 3.86 -0.20
N SER B 91 3.27 4.64 0.85
CA SER B 91 3.72 4.31 2.19
C SER B 91 2.93 5.14 3.20
N ASP B 92 3.02 4.74 4.46
CA ASP B 92 2.46 5.56 5.52
C ASP B 92 3.53 6.41 6.23
N HIS B 93 4.74 6.47 5.66
CA HIS B 93 5.92 7.23 6.11
C HIS B 93 6.55 6.69 7.38
N ALA B 94 6.05 5.60 7.94
CA ALA B 94 6.60 5.09 9.19
C ALA B 94 6.77 3.57 9.19
N PHE B 95 5.75 2.82 8.76
CA PHE B 95 5.75 1.37 8.92
C PHE B 95 5.75 0.63 7.60
N ASN B 96 4.77 0.86 6.75
CA ASN B 96 4.55 -0.03 5.61
C ASN B 96 4.78 0.73 4.31
N ALA B 97 5.07 -0.03 3.26
CA ALA B 97 5.24 0.53 1.93
C ALA B 97 4.86 -0.56 0.93
N THR B 98 4.22 -0.16 -0.17
CA THR B 98 3.74 -1.09 -1.18
C THR B 98 4.21 -0.58 -2.54
N ILE B 99 4.82 -1.46 -3.33
CA ILE B 99 5.44 -1.04 -4.58
C ILE B 99 4.48 -1.37 -5.72
N TRP B 100 4.10 -0.37 -6.51
CA TRP B 100 3.22 -0.56 -7.66
C TRP B 100 3.96 -0.15 -8.94
N ASP B 101 3.48 -0.68 -10.06
CA ASP B 101 3.90 -0.24 -11.39
C ASP B 101 5.42 -0.20 -11.52
N VAL B 102 6.04 -1.36 -11.26
CA VAL B 102 7.42 -1.61 -11.66
C VAL B 102 7.43 -1.97 -13.15
N LEU B 103 8.05 -1.13 -13.97
CA LEU B 103 8.06 -1.39 -15.40
C LEU B 103 9.28 -0.77 -16.07
N VAL B 104 9.74 -1.44 -17.13
CA VAL B 104 10.94 -1.07 -17.88
C VAL B 104 10.63 -1.18 -19.37
N ASP B 105 11.02 -0.15 -20.12
CA ASP B 105 10.89 -0.13 -21.58
C ASP B 105 11.37 -1.44 -22.17
N PRO B 106 10.54 -2.11 -22.99
CA PRO B 106 10.91 -3.46 -23.48
C PRO B 106 12.22 -3.52 -24.25
N SER B 107 12.61 -2.43 -24.92
CA SER B 107 13.91 -2.39 -25.61
C SER B 107 15.08 -2.52 -24.65
N TYR B 108 14.92 -2.12 -23.38
CA TYR B 108 15.99 -2.19 -22.38
C TYR B 108 15.81 -3.31 -21.36
N GLN B 109 14.79 -4.15 -21.51
CA GLN B 109 14.63 -5.28 -20.61
C GLN B 109 15.74 -6.33 -20.82
N GLY B 110 15.82 -7.26 -19.88
CA GLY B 110 16.87 -8.27 -19.93
C GLY B 110 18.27 -7.74 -19.81
N GLN B 111 18.45 -6.50 -19.33
CA GLN B 111 19.78 -5.92 -19.16
C GLN B 111 20.20 -5.76 -17.71
N GLY B 112 19.40 -6.23 -16.76
CA GLY B 112 19.69 -5.99 -15.36
C GLY B 112 19.17 -4.66 -14.87
N LEU B 113 18.38 -3.96 -15.67
CA LEU B 113 17.94 -2.63 -15.28
C LEU B 113 16.78 -2.70 -14.30
N GLY B 114 15.83 -3.62 -14.52
CA GLY B 114 14.79 -3.85 -13.54
C GLY B 114 15.35 -4.27 -12.19
N LYS B 115 16.27 -5.25 -12.20
CA LYS B 115 17.00 -5.61 -10.98
C LYS B 115 17.63 -4.37 -10.33
N ALA B 116 18.42 -3.62 -11.12
CA ALA B 116 19.07 -2.43 -10.60
C ALA B 116 18.05 -1.45 -10.02
N LEU B 117 16.96 -1.21 -10.74
CA LEU B 117 15.95 -0.28 -10.26
C LEU B 117 15.39 -0.72 -8.92
N MET B 118 15.04 -2.00 -8.79
CA MET B 118 14.43 -2.46 -7.55
C MET B 118 15.38 -2.37 -6.37
N GLU B 119 16.67 -2.69 -6.57
CA GLU B 119 17.62 -2.64 -5.46
C GLU B 119 17.69 -1.24 -4.86
N LYS B 120 17.72 -0.21 -5.71
CA LYS B 120 17.74 1.16 -5.22
C LYS B 120 16.44 1.52 -4.51
N VAL B 121 15.30 1.06 -5.03
CA VAL B 121 14.02 1.30 -4.36
C VAL B 121 14.08 0.75 -2.94
N ILE B 122 14.47 -0.52 -2.80
CA ILE B 122 14.55 -1.16 -1.48
C ILE B 122 15.51 -0.40 -0.57
N ARG B 123 16.67 -0.01 -1.10
CA ARG B 123 17.64 0.72 -0.29
C ARG B 123 17.05 2.05 0.18
N THR B 124 16.48 2.84 -0.75
CA THR B 124 15.84 4.10 -0.39
C THR B 124 14.80 3.90 0.70
N LEU B 125 13.92 2.91 0.52
CA LEU B 125 12.90 2.65 1.51
C LEU B 125 13.51 2.22 2.83
N LEU B 126 14.59 1.44 2.78
CA LEU B 126 15.32 1.12 4.00
C LEU B 126 15.89 2.39 4.65
N GLN B 127 16.57 3.25 3.87
CA GLN B 127 17.18 4.45 4.45
C GLN B 127 16.14 5.33 5.13
N ARG B 128 14.97 5.51 4.49
CA ARG B 128 13.87 6.22 5.12
C ARG B 128 13.29 5.45 6.30
N ASP B 129 13.82 4.26 6.57
CA ASP B 129 13.51 3.45 7.74
C ASP B 129 12.08 2.94 7.72
N ILE B 130 11.59 2.61 6.53
CA ILE B 130 10.39 1.82 6.36
C ILE B 130 10.80 0.35 6.31
N SER B 131 10.37 -0.42 7.30
CA SER B 131 10.83 -1.80 7.46
C SER B 131 9.89 -2.83 6.84
N ASN B 132 8.66 -2.49 6.54
CA ASN B 132 7.68 -3.43 5.99
C ASN B 132 7.45 -3.07 4.52
N ILE B 133 8.13 -3.78 3.61
CA ILE B 133 8.12 -3.48 2.19
C ILE B 133 7.38 -4.60 1.45
N THR B 134 6.31 -4.23 0.75
CA THR B 134 5.37 -5.21 0.22
C THR B 134 5.13 -4.91 -1.24
N LEU B 135 4.52 -5.88 -1.94
CA LEU B 135 4.08 -5.71 -3.32
C LEU B 135 3.14 -6.84 -3.66
N PHE B 136 2.47 -6.69 -4.80
CA PHE B 136 1.59 -7.71 -5.36
C PHE B 136 2.11 -8.09 -6.74
N ALA B 137 2.38 -9.38 -6.94
CA ALA B 137 3.11 -9.87 -8.10
C ALA B 137 2.23 -10.74 -9.00
N ASP B 138 2.13 -10.35 -10.28
CA ASP B 138 1.63 -11.24 -11.31
C ASP B 138 2.36 -12.57 -11.24
N ASN B 139 1.68 -13.66 -11.65
CA ASN B 139 2.29 -14.98 -11.56
C ASN B 139 3.62 -15.04 -12.30
N LYS B 140 3.68 -14.37 -13.46
CA LYS B 140 4.85 -14.49 -14.32
C LYS B 140 6.07 -13.82 -13.70
N VAL B 141 5.86 -12.81 -12.85
CA VAL B 141 6.95 -12.01 -12.29
C VAL B 141 7.34 -12.44 -10.88
N VAL B 142 6.66 -13.44 -10.30
CA VAL B 142 6.91 -13.79 -8.90
C VAL B 142 8.36 -14.21 -8.68
N ASP B 143 8.92 -15.01 -9.61
CA ASP B 143 10.31 -15.46 -9.46
C ASP B 143 11.29 -14.27 -9.51
N PHE B 144 11.01 -13.29 -10.37
CA PHE B 144 11.82 -12.07 -10.42
C PHE B 144 11.96 -11.43 -9.03
N TYR B 145 10.84 -11.23 -8.33
CA TYR B 145 10.91 -10.63 -7.01
C TYR B 145 11.42 -11.59 -5.96
N LYS B 146 11.25 -12.92 -6.13
CA LYS B 146 11.87 -13.87 -5.21
C LYS B 146 13.38 -13.74 -5.24
N ASN B 147 13.95 -13.55 -6.44
CA ASN B 147 15.39 -13.34 -6.59
C ASN B 147 15.88 -12.21 -5.67
N LEU B 148 15.06 -11.19 -5.49
CA LEU B 148 15.48 -9.96 -4.84
C LEU B 148 15.23 -9.97 -3.36
N GLY B 149 14.77 -11.09 -2.82
CA GLY B 149 14.60 -11.22 -1.39
C GLY B 149 13.17 -11.19 -0.95
N PHE B 150 12.23 -10.90 -1.86
CA PHE B 150 10.82 -10.92 -1.51
C PHE B 150 10.37 -12.36 -1.31
N GLU B 151 9.57 -12.57 -0.29
CA GLU B 151 9.02 -13.87 0.03
C GLU B 151 7.49 -13.85 -0.05
N ALA B 152 6.91 -14.80 -0.77
CA ALA B 152 5.46 -14.86 -0.93
C ALA B 152 4.81 -15.53 0.28
N ASP B 153 3.63 -15.05 0.65
CA ASP B 153 2.82 -15.62 1.72
C ASP B 153 3.59 -16.08 2.95
N PRO B 154 4.45 -15.25 3.53
CA PRO B 154 5.13 -15.68 4.77
C PRO B 154 4.11 -15.99 5.84
N GLN B 155 4.29 -17.07 6.56
CA GLN B 155 3.40 -17.48 7.65
C GLN B 155 1.96 -17.55 7.32
N GLY B 156 1.64 -17.87 6.11
CA GLY B 156 0.26 -17.95 5.73
C GLY B 156 -0.39 -16.64 5.34
N ILE B 157 0.29 -15.50 5.52
CA ILE B 157 -0.33 -14.23 5.17
C ILE B 157 -0.70 -14.23 3.69
N LYS B 158 -1.95 -13.84 3.39
CA LYS B 158 -2.41 -13.82 2.01
C LYS B 158 -2.66 -12.38 1.55
N GLY B 159 -2.20 -12.07 0.34
CA GLY B 159 -2.58 -10.80 -0.28
C GLY B 159 -3.96 -10.92 -0.91
N MET B 160 -4.87 -10.04 -0.50
CA MET B 160 -6.27 -10.13 -0.92
C MET B 160 -6.76 -8.85 -1.61
N PHE B 161 -7.70 -9.04 -2.53
CA PHE B 161 -8.30 -7.98 -3.35
C PHE B 161 -9.80 -8.03 -3.18
N TRP B 162 -10.44 -6.88 -3.19
CA TRP B 162 -11.90 -6.85 -3.10
C TRP B 162 -12.50 -6.97 -4.50
N TYR B 163 -13.15 -8.11 -4.77
CA TYR B 163 -13.85 -8.35 -6.02
C TYR B 163 -12.99 -7.91 -7.20
N PRO B 164 -11.95 -8.64 -7.48
CA PRO B 164 -11.06 -8.30 -8.56
C PRO B 164 -11.65 -8.55 -9.90
N ARG B 165 -11.40 -7.66 -10.83
CA ARG B 165 -11.93 -7.86 -12.14
C ARG B 165 -10.93 -8.49 -13.07
N PHE B 166 -9.79 -8.84 -12.54
CA PHE B 166 -8.80 -9.53 -13.31
C PHE B 166 -8.52 -10.85 -12.65
N1A ACO C . -12.62 -15.75 10.99
C2A ACO C . -13.68 -15.88 10.23
N3A ACO C . -14.80 -15.21 10.41
C4A ACO C . -14.91 -14.39 11.40
C5A ACO C . -13.81 -14.20 12.29
C6A ACO C . -12.61 -14.95 12.03
N6A ACO C . -11.53 -14.82 12.80
N7A ACO C . -14.20 -13.32 13.19
C8A ACO C . -15.44 -13.00 12.88
N9A ACO C . -15.86 -13.64 11.81
C1B ACO C . -17.15 -13.53 11.15
C2B ACO C . -18.22 -13.35 12.14
O2B ACO C . -18.69 -14.63 12.44
C3B ACO C . -19.22 -12.59 11.34
O3B ACO C . -19.85 -13.44 10.39
P3B ACO C . -21.35 -13.29 9.97
O7A ACO C . -21.33 -14.04 8.73
O8A ACO C . -21.63 -11.88 9.79
O9A ACO C . -22.05 -13.88 11.11
C4B ACO C . -18.35 -11.65 10.59
O4B ACO C . -17.18 -12.36 10.37
C5B ACO C . -18.07 -10.36 11.34
O5B ACO C . -17.89 -10.49 12.73
P1A ACO C . -17.58 -9.24 13.53
O1A ACO C . -18.20 -9.36 14.79
O2A ACO C . -17.89 -8.12 12.70
O3A ACO C . -16.08 -9.45 13.73
P2A ACO C . -15.37 -9.04 15.04
O4A ACO C . -15.00 -10.21 15.76
O5A ACO C . -16.18 -7.99 15.60
O6A ACO C . -14.03 -8.48 14.57
CBP ACO C . -11.80 -8.71 13.78
CCP ACO C . -13.25 -9.12 13.62
CDP ACO C . -11.61 -7.31 13.28
CEP ACO C . -10.94 -9.62 12.98
CAP ACO C . -11.46 -8.77 15.25
OAP ACO C . -11.27 -10.14 15.55
C9P ACO C . -10.24 -8.02 15.62
O9P ACO C . -10.28 -6.91 16.05
N8P ACO C . -9.10 -8.64 15.49
C7P ACO C . -7.90 -8.27 16.19
C6P ACO C . -6.83 -7.82 15.23
C5P ACO C . -6.95 -8.58 13.97
O5P ACO C . -6.83 -9.75 14.04
N4P ACO C . -7.20 -7.97 12.82
C3P ACO C . -6.21 -7.70 11.80
C2P ACO C . -6.57 -8.31 10.45
S1P ACO C . -5.13 -8.75 9.53
C ACO C . -4.82 -7.24 8.91
O ACO C . -4.09 -7.07 7.95
CH3 ACO C . -5.45 -6.07 9.58
N1 F5U D . -0.09 -9.68 8.67
C4 F5U D . 0.57 -8.01 9.92
C5 F5U D . 0.37 -8.41 8.64
C6 F5U D . 0.61 -7.54 7.58
C7 F5U D . 1.08 -6.28 7.84
C8 F5U D . -0.17 -10.09 9.96
C10 F5U D . 0.19 -9.42 12.22
C1 F5U D . 3.08 -4.55 9.94
C11 F5U D . -0.93 -8.67 12.90
C2 F5U D . 1.28 -5.86 9.14
C3 F5U D . 1.03 -6.72 10.18
C9 F5U D . 0.24 -9.05 10.74
N2 F5U D . -2.19 -9.30 12.61
O1 F5U D . 1.71 -4.66 9.69
N1A ACO E . 10.56 -14.00 -14.09
C2A ACO E . 11.62 -14.39 -13.39
N3A ACO E . 12.82 -13.84 -13.55
C4A ACO E . 12.98 -12.88 -14.42
C5A ACO E . 11.88 -12.42 -15.24
C6A ACO E . 10.61 -13.06 -15.01
N6A ACO E . 9.53 -12.68 -15.69
N7A ACO E . 12.31 -11.47 -16.03
C8A ACO E . 13.61 -11.34 -15.73
N9A ACO E . 13.99 -12.18 -14.77
C1B ACO E . 15.34 -12.35 -14.25
C2B ACO E . 16.21 -12.12 -15.43
O2B ACO E . 16.37 -13.30 -16.18
C3B ACO E . 17.50 -11.67 -14.81
O3B ACO E . 18.26 -12.81 -14.43
P3B ACO E . 19.52 -12.65 -13.52
O7A ACO E . 20.56 -13.28 -14.30
O8A ACO E . 19.71 -11.20 -13.45
O9A ACO E . 19.12 -13.29 -12.26
C4B ACO E . 17.01 -10.92 -13.59
O4B ACO E . 15.71 -11.38 -13.30
C5B ACO E . 16.99 -9.41 -13.80
O5B ACO E . 16.35 -9.04 -14.97
P1A ACO E . 16.35 -7.58 -15.35
O1A ACO E . 17.10 -7.52 -16.55
O2A ACO E . 16.80 -6.78 -14.27
O3A ACO E . 14.83 -7.42 -15.61
P2A ACO E . 14.17 -6.56 -16.74
O4A ACO E . 13.71 -7.41 -17.80
O5A ACO E . 15.01 -5.43 -16.98
O6A ACO E . 12.90 -6.03 -16.08
CBP ACO E . 10.68 -6.42 -15.42
CCP ACO E . 12.08 -6.96 -15.46
CDP ACO E . 10.73 -5.02 -14.88
CEP ACO E . 9.83 -7.29 -14.53
CAP ACO E . 10.12 -6.43 -16.81
OAP ACO E . 9.88 -7.78 -17.12
C9P ACO E . 8.87 -5.65 -16.91
O9P ACO E . 8.87 -4.48 -16.74
N8P ACO E . 7.75 -6.24 -17.23
C7P ACO E . 6.65 -5.50 -17.74
C6P ACO E . 5.94 -4.80 -16.61
C5P ACO E . 5.44 -5.81 -15.61
O5P ACO E . 4.79 -6.74 -16.00
N4P ACO E . 5.72 -5.64 -14.34
C3P ACO E . 4.75 -5.95 -13.32
C2P ACO E . 5.33 -6.48 -12.02
S1P ACO E . 4.04 -6.72 -10.87
C ACO E . 4.18 -5.19 -10.23
O ACO E . 3.97 -4.94 -9.05
CH3 ACO E . 4.57 -4.10 -11.15
N1 F5U F . -1.58 -2.53 -12.08
C4 F5U F . -2.89 -3.00 -13.74
C5 F5U F . -2.87 -2.81 -12.42
C6 F5U F . -4.08 -2.91 -11.70
C7 F5U F . -5.26 -3.21 -12.36
C8 F5U F . -0.83 -2.55 -13.20
C10 F5U F . -1.06 -2.97 -15.61
C1 F5U F . -5.89 -4.77 -15.60
C11 F5U F . -1.26 -4.42 -16.01
C2 F5U F . -5.25 -3.43 -13.74
C3 F5U F . -4.06 -3.31 -14.41
C9 F5U F . -1.67 -2.84 -14.23
N2 F5U F . -0.63 -5.27 -15.02
O1 F5U F . -6.21 -3.74 -14.71
#